data_1U5R
#
_entry.id   1U5R
#
_cell.length_a   186.467
_cell.length_b   186.467
_cell.length_c   91.100
_cell.angle_alpha   90.00
_cell.angle_beta   90.00
_cell.angle_gamma   120.00
#
_symmetry.space_group_name_H-M   'P 65 2 2'
#
loop_
_entity.id
_entity.type
_entity.pdbx_description
1 polymer 'serine/threonine protein kinase TAO2'
2 non-polymer 'MAGNESIUM ION'
3 non-polymer 'CALCIUM ION'
4 non-polymer "ADENOSINE-5'-TRIPHOSPHATE"
5 water water
#
_entity_poly.entity_id   1
_entity_poly.type   'polypeptide(L)'
_entity_poly.pdbx_seq_one_letter_code
;MSYYHHHHHHDYDIPTTENLYFQGAMDPMPAGGRAGSLKDPDVAELFFKDDPEKLFSDLREIGHGSFGAVYFARDVRNSE
VVAIKKMSYSGKQSNEKWQDIIKEVRFLQKLRHPNTIQYRGCYLREHTAWLVMEYCLGSASDLLEVHKKPLQEVEIAAVT
HGALQGLAYLHSHNMIHRDVKAGNILLSEPGLVKLGDFGSASIMAPAN(SEP)FVGTPYWMAPEVILAMDEGQYDGKVDV
WSLGITCIELAERKPPLFNMNAMSALYHIAQNESPALQSGHWSEYFRNFVDSCLQKIPQDRPTSEVLLKHRFVLRERPPT
VIMDLIQRTKDAVRELDNLQYRKMKKILFQEA
;
_entity_poly.pdbx_strand_id   A,B
#
# COMPACT_ATOMS: atom_id res chain seq x y z
N ASP A 40 -22.72 -5.67 43.50
CA ASP A 40 -21.88 -6.52 42.61
C ASP A 40 -20.42 -6.41 43.02
N PRO A 41 -19.72 -7.56 43.14
CA PRO A 41 -18.30 -7.63 43.54
C PRO A 41 -17.36 -6.90 42.59
N ASP A 42 -17.59 -7.09 41.29
CA ASP A 42 -16.77 -6.47 40.26
C ASP A 42 -16.89 -4.95 40.21
N VAL A 43 -18.10 -4.41 40.44
CA VAL A 43 -18.24 -2.96 40.40
C VAL A 43 -17.56 -2.35 41.62
N ALA A 44 -17.76 -2.97 42.78
CA ALA A 44 -17.16 -2.49 44.02
C ALA A 44 -15.65 -2.52 43.94
N GLU A 45 -15.11 -3.55 43.30
CA GLU A 45 -13.66 -3.70 43.20
C GLU A 45 -12.97 -2.84 42.15
N LEU A 46 -13.55 -2.77 40.96
CA LEU A 46 -12.91 -2.06 39.86
C LEU A 46 -13.28 -0.61 39.54
N PHE A 47 -14.42 -0.15 40.03
CA PHE A 47 -14.87 1.20 39.71
C PHE A 47 -14.82 2.23 40.82
N PHE A 48 -14.71 3.49 40.41
CA PHE A 48 -14.77 4.61 41.35
C PHE A 48 -16.30 4.84 41.47
N LYS A 49 -16.75 5.42 42.58
CA LYS A 49 -18.19 5.63 42.78
C LYS A 49 -18.74 6.93 42.23
N ASP A 50 -17.87 7.87 41.90
CA ASP A 50 -18.30 9.15 41.38
C ASP A 50 -19.18 9.05 40.14
N ASP A 51 -20.02 10.08 39.95
CA ASP A 51 -20.88 10.15 38.78
C ASP A 51 -19.95 10.81 37.74
N PRO A 52 -19.63 10.09 36.66
CA PRO A 52 -18.74 10.64 35.61
C PRO A 52 -19.27 11.92 35.01
N GLU A 53 -20.60 12.04 34.98
CA GLU A 53 -21.29 13.21 34.43
C GLU A 53 -20.90 14.49 35.20
N LYS A 54 -20.53 14.33 36.46
CA LYS A 54 -20.12 15.47 37.27
C LYS A 54 -18.62 15.76 37.10
N LEU A 55 -17.84 14.74 36.73
CA LEU A 55 -16.40 14.91 36.62
C LEU A 55 -15.83 15.39 35.28
N PHE A 56 -16.49 15.04 34.19
CA PHE A 56 -15.96 15.39 32.87
C PHE A 56 -16.87 16.24 32.00
N SER A 57 -16.26 17.14 31.23
CA SER A 57 -17.03 18.01 30.35
C SER A 57 -16.35 18.29 29.01
N ASP A 58 -17.11 18.89 28.11
CA ASP A 58 -16.64 19.26 26.78
C ASP A 58 -16.31 18.00 26.00
N LEU A 59 -17.10 16.95 26.21
CA LEU A 59 -16.86 15.70 25.50
C LEU A 59 -17.01 15.89 23.98
N ARG A 60 -16.05 15.35 23.22
CA ARG A 60 -16.09 15.41 21.75
C ARG A 60 -15.58 14.06 21.25
N GLU A 61 -16.35 13.44 20.36
CA GLU A 61 -15.96 12.14 19.84
C GLU A 61 -14.66 12.25 19.05
N ILE A 62 -13.70 11.39 19.36
CA ILE A 62 -12.42 11.38 18.65
C ILE A 62 -12.18 10.01 18.01
N GLY A 63 -13.15 9.13 18.18
CA GLY A 63 -13.04 7.79 17.61
C GLY A 63 -14.28 7.00 17.94
N HIS A 64 -14.38 5.80 17.36
CA HIS A 64 -15.52 4.95 17.62
C HIS A 64 -15.00 3.54 17.81
N GLY A 65 -15.36 2.95 18.94
CA GLY A 65 -14.92 1.60 19.23
C GLY A 65 -16.02 0.58 19.05
N SER A 66 -15.83 -0.57 19.68
CA SER A 66 -16.78 -1.66 19.60
C SER A 66 -17.92 -1.57 20.61
N PHE A 67 -17.81 -0.65 21.58
CA PHE A 67 -18.86 -0.50 22.59
C PHE A 67 -19.39 0.92 22.64
N GLY A 68 -18.80 1.79 21.83
CA GLY A 68 -19.24 3.18 21.83
C GLY A 68 -18.14 4.11 21.40
N ALA A 69 -18.47 5.39 21.33
CA ALA A 69 -17.49 6.36 20.91
C ALA A 69 -16.39 6.51 21.98
N VAL A 70 -15.30 7.13 21.55
CA VAL A 70 -14.18 7.41 22.42
C VAL A 70 -14.18 8.92 22.34
N TYR A 71 -14.12 9.57 23.50
CA TYR A 71 -14.17 11.02 23.57
C TYR A 71 -13.02 11.77 24.18
N PHE A 72 -12.79 12.95 23.62
CA PHE A 72 -11.83 13.90 24.14
C PHE A 72 -12.70 14.50 25.26
N ALA A 73 -12.08 14.83 26.39
CA ALA A 73 -12.82 15.43 27.50
C ALA A 73 -11.89 16.14 28.47
N ARG A 74 -12.49 16.92 29.36
CA ARG A 74 -11.74 17.67 30.36
C ARG A 74 -12.18 17.22 31.74
N ASP A 75 -11.22 16.85 32.58
CA ASP A 75 -11.52 16.45 33.95
C ASP A 75 -11.77 17.79 34.67
N VAL A 76 -12.96 17.97 35.23
CA VAL A 76 -13.26 19.24 35.89
C VAL A 76 -12.40 19.48 37.12
N ARG A 77 -11.96 18.41 37.76
CA ARG A 77 -11.15 18.54 38.95
C ARG A 77 -9.82 19.26 38.75
N ASN A 78 -9.27 19.24 37.53
CA ASN A 78 -7.99 19.91 37.28
C ASN A 78 -7.87 20.53 35.90
N SER A 79 -8.98 20.61 35.16
CA SER A 79 -8.98 21.19 33.82
C SER A 79 -8.11 20.44 32.82
N GLU A 80 -7.74 19.21 33.17
CA GLU A 80 -6.90 18.39 32.32
C GLU A 80 -7.69 17.60 31.26
N VAL A 81 -7.12 17.51 30.06
CA VAL A 81 -7.74 16.78 28.96
C VAL A 81 -7.50 15.28 29.17
N VAL A 82 -8.53 14.47 28.94
CA VAL A 82 -8.44 13.03 29.05
C VAL A 82 -9.17 12.39 27.86
N ALA A 83 -9.08 11.08 27.75
CA ALA A 83 -9.78 10.34 26.71
C ALA A 83 -10.71 9.44 27.47
N ILE A 84 -11.95 9.31 26.99
CA ILE A 84 -12.94 8.49 27.65
C ILE A 84 -13.55 7.50 26.66
N LYS A 85 -13.44 6.23 27.02
CA LYS A 85 -13.98 5.16 26.19
C LYS A 85 -15.28 4.76 26.88
N LYS A 86 -16.40 5.13 26.27
CA LYS A 86 -17.69 4.77 26.83
C LYS A 86 -18.05 3.39 26.32
N MET A 87 -18.38 2.48 27.23
CA MET A 87 -18.74 1.13 26.86
C MET A 87 -20.08 0.76 27.46
N SER A 88 -21.09 0.75 26.61
CA SER A 88 -22.44 0.40 27.03
C SER A 88 -22.59 -1.10 27.10
N TYR A 89 -23.34 -1.59 28.09
CA TYR A 89 -23.59 -3.01 28.23
C TYR A 89 -25.09 -3.25 28.35
N SER A 90 -25.87 -2.41 27.70
CA SER A 90 -27.33 -2.54 27.69
C SER A 90 -27.70 -3.25 26.39
N GLY A 91 -29.00 -3.49 26.19
CA GLY A 91 -29.43 -4.16 24.98
C GLY A 91 -29.81 -5.61 25.27
N LYS A 92 -29.11 -6.56 24.66
CA LYS A 92 -29.41 -7.95 24.93
C LYS A 92 -28.13 -8.77 25.02
N GLN A 93 -27.04 -8.18 24.53
CA GLN A 93 -25.74 -8.82 24.59
C GLN A 93 -25.12 -8.33 25.91
N SER A 94 -25.94 -7.74 26.77
CA SER A 94 -25.48 -7.19 28.05
C SER A 94 -24.48 -8.03 28.82
N ASN A 95 -24.75 -9.34 28.96
CA ASN A 95 -23.83 -10.19 29.69
C ASN A 95 -22.45 -10.21 29.07
N GLU A 96 -22.37 -10.50 27.78
CA GLU A 96 -21.06 -10.52 27.15
C GLU A 96 -20.39 -9.16 27.19
N LYS A 97 -21.16 -8.12 26.91
CA LYS A 97 -20.60 -6.78 26.91
C LYS A 97 -20.00 -6.43 28.25
N TRP A 98 -20.70 -6.75 29.34
CA TRP A 98 -20.19 -6.46 30.67
C TRP A 98 -18.91 -7.24 30.93
N GLN A 99 -18.91 -8.51 30.52
CA GLN A 99 -17.74 -9.37 30.68
C GLN A 99 -16.51 -8.83 29.95
N ASP A 100 -16.71 -8.28 28.76
CA ASP A 100 -15.60 -7.72 27.99
C ASP A 100 -15.04 -6.46 28.65
N ILE A 101 -15.94 -5.64 29.19
CA ILE A 101 -15.57 -4.41 29.86
C ILE A 101 -14.67 -4.72 31.06
N ILE A 102 -15.15 -5.56 31.97
CA ILE A 102 -14.39 -5.91 33.14
C ILE A 102 -13.02 -6.51 32.80
N LYS A 103 -13.00 -7.38 31.79
CA LYS A 103 -11.76 -8.01 31.39
C LYS A 103 -10.77 -6.96 30.91
N GLU A 104 -11.24 -5.97 30.16
CA GLU A 104 -10.33 -4.94 29.68
C GLU A 104 -9.87 -4.07 30.85
N VAL A 105 -10.77 -3.74 31.76
CA VAL A 105 -10.40 -2.90 32.90
C VAL A 105 -9.35 -3.60 33.76
N ARG A 106 -9.55 -4.88 34.04
CA ARG A 106 -8.59 -5.64 34.86
C ARG A 106 -7.22 -5.66 34.21
N PHE A 107 -7.18 -5.66 32.88
CA PHE A 107 -5.91 -5.68 32.19
C PHE A 107 -5.25 -4.31 32.28
N LEU A 108 -6.03 -3.28 31.97
CA LEU A 108 -5.52 -1.92 32.00
C LEU A 108 -4.93 -1.54 33.35
N GLN A 109 -5.57 -1.94 34.45
CA GLN A 109 -5.05 -1.52 35.74
C GLN A 109 -3.78 -2.22 36.15
N LYS A 110 -3.36 -3.22 35.38
CA LYS A 110 -2.12 -3.91 35.71
C LYS A 110 -0.94 -3.18 35.10
N LEU A 111 -1.19 -2.41 34.05
CA LEU A 111 -0.14 -1.72 33.32
C LEU A 111 0.57 -0.51 33.93
N ARG A 112 1.91 -0.58 33.98
CA ARG A 112 2.71 0.52 34.48
C ARG A 112 3.97 0.64 33.64
N HIS A 113 3.82 1.16 32.44
CA HIS A 113 4.97 1.34 31.54
C HIS A 113 4.68 2.56 30.71
N PRO A 114 5.69 3.38 30.46
CA PRO A 114 5.57 4.61 29.67
C PRO A 114 5.14 4.44 28.22
N ASN A 115 5.38 3.27 27.63
CA ASN A 115 4.98 3.04 26.26
C ASN A 115 3.67 2.26 26.14
N THR A 116 2.86 2.30 27.21
CA THR A 116 1.53 1.71 27.15
C THR A 116 0.60 2.88 27.55
N ILE A 117 -0.61 2.88 27.02
CA ILE A 117 -1.53 3.97 27.29
C ILE A 117 -1.89 4.00 28.78
N GLN A 118 -1.75 5.17 29.41
CA GLN A 118 -2.06 5.28 30.83
C GLN A 118 -3.56 5.20 31.14
N TYR A 119 -3.91 4.28 32.04
CA TYR A 119 -5.29 4.08 32.47
C TYR A 119 -5.51 4.97 33.72
N ARG A 120 -6.58 5.76 33.72
CA ARG A 120 -6.87 6.67 34.84
C ARG A 120 -8.07 6.27 35.69
N GLY A 121 -8.63 5.09 35.45
CA GLY A 121 -9.76 4.61 36.21
C GLY A 121 -11.06 4.50 35.44
N CYS A 122 -12.08 3.90 36.05
CA CYS A 122 -13.36 3.78 35.38
C CYS A 122 -14.54 4.11 36.27
N TYR A 123 -15.61 4.58 35.64
CA TYR A 123 -16.81 4.97 36.32
C TYR A 123 -18.02 4.30 35.72
N LEU A 124 -19.13 4.29 36.45
CA LEU A 124 -20.35 3.65 36.01
C LEU A 124 -21.50 4.64 36.00
N ARG A 125 -22.40 4.48 35.04
CA ARG A 125 -23.55 5.36 34.93
C ARG A 125 -24.55 4.83 33.90
N GLU A 126 -25.74 4.48 34.35
CA GLU A 126 -26.80 3.97 33.48
C GLU A 126 -26.32 2.99 32.41
N HIS A 127 -25.94 1.78 32.81
CA HIS A 127 -25.51 0.77 31.84
C HIS A 127 -24.38 1.19 30.91
N THR A 128 -23.55 2.14 31.33
CA THR A 128 -22.40 2.57 30.54
C THR A 128 -21.20 2.70 31.47
N ALA A 129 -20.09 2.05 31.11
CA ALA A 129 -18.88 2.16 31.89
C ALA A 129 -18.01 3.21 31.20
N TRP A 130 -17.47 4.13 31.98
CA TRP A 130 -16.61 5.18 31.43
C TRP A 130 -15.16 4.83 31.77
N LEU A 131 -14.39 4.36 30.79
CA LEU A 131 -12.99 4.02 31.04
C LEU A 131 -12.18 5.26 30.68
N VAL A 132 -11.47 5.82 31.66
CA VAL A 132 -10.70 7.03 31.41
C VAL A 132 -9.23 6.72 31.18
N MET A 133 -8.62 7.43 30.24
CA MET A 133 -7.23 7.23 29.88
C MET A 133 -6.57 8.55 29.61
N GLU A 134 -5.25 8.58 29.60
CA GLU A 134 -4.56 9.80 29.26
C GLU A 134 -4.99 10.06 27.81
N TYR A 135 -4.96 11.32 27.42
CA TYR A 135 -5.38 11.68 26.08
C TYR A 135 -4.21 11.70 25.10
N CYS A 136 -4.37 11.01 23.97
CA CYS A 136 -3.35 10.99 22.93
C CYS A 136 -3.96 11.78 21.76
N LEU A 137 -3.15 12.50 21.00
CA LEU A 137 -3.73 13.30 19.93
C LEU A 137 -4.11 12.53 18.67
N GLY A 138 -3.67 11.29 18.56
CA GLY A 138 -4.01 10.49 17.39
C GLY A 138 -3.21 9.20 17.34
N SER A 139 -3.52 8.35 16.36
CA SER A 139 -2.82 7.09 16.20
C SER A 139 -1.84 7.23 15.05
N ALA A 140 -0.95 6.25 14.92
CA ALA A 140 0.01 6.26 13.84
C ALA A 140 -0.77 6.13 12.53
N SER A 141 -1.91 5.43 12.54
CA SER A 141 -2.67 5.32 11.29
C SER A 141 -3.28 6.68 10.95
N ASP A 142 -3.72 7.44 11.96
CA ASP A 142 -4.28 8.78 11.68
C ASP A 142 -3.17 9.60 11.00
N LEU A 143 -1.92 9.34 11.38
CA LEU A 143 -0.81 10.07 10.79
C LEU A 143 -0.64 9.71 9.32
N LEU A 144 -0.84 8.43 9.00
CA LEU A 144 -0.73 7.96 7.62
C LEU A 144 -1.89 8.55 6.80
N GLU A 145 -3.06 8.68 7.43
CA GLU A 145 -4.25 9.21 6.75
C GLU A 145 -4.17 10.71 6.50
N VAL A 146 -3.62 11.45 7.46
CA VAL A 146 -3.52 12.90 7.33
C VAL A 146 -2.60 13.31 6.18
N HIS A 147 -1.43 12.69 6.09
CA HIS A 147 -0.45 13.03 5.07
C HIS A 147 -0.60 12.28 3.75
N LYS A 148 -1.38 11.20 3.76
CA LYS A 148 -1.56 10.38 2.58
C LYS A 148 -0.15 10.01 2.06
N LYS A 149 0.76 9.77 3.00
CA LYS A 149 2.14 9.40 2.68
C LYS A 149 2.75 8.54 3.79
N PRO A 150 3.70 7.67 3.43
CA PRO A 150 4.33 6.85 4.46
C PRO A 150 5.14 7.80 5.32
N LEU A 151 5.56 7.33 6.48
CA LEU A 151 6.38 8.17 7.35
C LEU A 151 7.85 8.10 6.89
N GLN A 152 8.67 9.02 7.37
CA GLN A 152 10.11 9.01 7.04
C GLN A 152 10.71 7.85 7.82
N GLU A 153 11.76 7.20 7.31
CA GLU A 153 12.36 6.08 8.04
C GLU A 153 12.69 6.41 9.49
N VAL A 154 13.24 7.59 9.77
CA VAL A 154 13.58 7.97 11.14
C VAL A 154 12.33 8.01 12.00
N GLU A 155 11.19 8.37 11.41
CA GLU A 155 9.94 8.43 12.17
C GLU A 155 9.45 7.00 12.44
N ILE A 156 9.57 6.12 11.45
CA ILE A 156 9.17 4.73 11.62
C ILE A 156 10.03 4.12 12.74
N ALA A 157 11.33 4.42 12.72
CA ALA A 157 12.22 3.89 13.76
C ALA A 157 11.76 4.33 15.16
N ALA A 158 11.38 5.60 15.30
CA ALA A 158 10.96 6.12 16.60
C ALA A 158 9.65 5.45 17.05
N VAL A 159 8.69 5.33 16.14
CA VAL A 159 7.42 4.70 16.47
C VAL A 159 7.65 3.24 16.80
N THR A 160 8.45 2.57 15.97
CA THR A 160 8.75 1.17 16.17
C THR A 160 9.41 0.95 17.52
N HIS A 161 10.38 1.79 17.85
CA HIS A 161 11.09 1.67 19.11
C HIS A 161 10.14 1.79 20.32
N GLY A 162 9.23 2.76 20.28
CA GLY A 162 8.29 2.91 21.37
C GLY A 162 7.38 1.70 21.55
N ALA A 163 6.78 1.26 20.44
CA ALA A 163 5.88 0.12 20.45
C ALA A 163 6.62 -1.13 20.93
N LEU A 164 7.86 -1.29 20.47
CA LEU A 164 8.66 -2.44 20.87
C LEU A 164 8.92 -2.45 22.39
N GLN A 165 9.31 -1.31 22.94
CA GLN A 165 9.56 -1.26 24.37
C GLN A 165 8.29 -1.67 25.09
N GLY A 166 7.14 -1.16 24.64
CA GLY A 166 5.89 -1.53 25.26
C GLY A 166 5.63 -3.03 25.16
N LEU A 167 5.93 -3.63 24.01
CA LEU A 167 5.72 -5.06 23.85
C LEU A 167 6.69 -5.88 24.71
N ALA A 168 7.96 -5.49 24.77
CA ALA A 168 8.91 -6.25 25.59
C ALA A 168 8.43 -6.22 27.07
N TYR A 169 7.84 -5.10 27.46
CA TYR A 169 7.30 -4.97 28.83
C TYR A 169 6.16 -6.00 29.01
N LEU A 170 5.16 -5.99 28.12
CA LEU A 170 4.07 -6.97 28.24
C LEU A 170 4.59 -8.42 28.25
N HIS A 171 5.48 -8.73 27.33
CA HIS A 171 6.01 -10.08 27.23
C HIS A 171 6.75 -10.54 28.48
N SER A 172 7.48 -9.61 29.11
CA SER A 172 8.23 -9.98 30.31
C SER A 172 7.26 -10.39 31.43
N HIS A 173 5.97 -10.04 31.27
CA HIS A 173 4.95 -10.38 32.26
C HIS A 173 4.00 -11.45 31.74
N ASN A 174 4.46 -12.20 30.74
CA ASN A 174 3.68 -13.25 30.14
C ASN A 174 2.40 -12.83 29.48
N MET A 175 2.30 -11.56 29.09
CA MET A 175 1.11 -11.08 28.40
C MET A 175 1.35 -11.06 26.90
N ILE A 176 0.28 -10.97 26.12
CA ILE A 176 0.39 -10.88 24.66
C ILE A 176 -0.66 -9.85 24.28
N HIS A 177 -0.29 -8.92 23.41
CA HIS A 177 -1.23 -7.87 23.00
C HIS A 177 -2.24 -8.43 22.01
N ARG A 178 -1.72 -9.05 20.96
CA ARG A 178 -2.50 -9.70 19.90
C ARG A 178 -3.20 -8.83 18.86
N ASP A 179 -3.09 -7.51 18.98
CA ASP A 179 -3.70 -6.64 17.96
C ASP A 179 -2.78 -5.43 17.66
N VAL A 180 -1.50 -5.72 17.47
CA VAL A 180 -0.54 -4.66 17.15
C VAL A 180 -0.77 -4.23 15.68
N LYS A 181 -0.95 -2.93 15.46
CA LYS A 181 -1.17 -2.37 14.12
C LYS A 181 -1.09 -0.85 14.28
N ALA A 182 -0.88 -0.12 13.20
CA ALA A 182 -0.76 1.33 13.35
C ALA A 182 -1.95 1.99 14.05
N GLY A 183 -3.15 1.49 13.82
CA GLY A 183 -4.33 2.07 14.44
C GLY A 183 -4.42 1.89 15.93
N ASN A 184 -3.56 1.04 16.50
CA ASN A 184 -3.57 0.81 17.94
C ASN A 184 -2.31 1.35 18.61
N ILE A 185 -1.54 2.14 17.88
CA ILE A 185 -0.33 2.77 18.42
C ILE A 185 -0.67 4.25 18.48
N LEU A 186 -0.64 4.83 19.69
CA LEU A 186 -1.03 6.22 19.88
C LEU A 186 0.14 7.14 20.19
N LEU A 187 -0.01 8.41 19.81
CA LEU A 187 1.01 9.42 20.04
C LEU A 187 0.46 10.45 21.03
N SER A 188 1.27 10.81 22.01
CA SER A 188 0.84 11.81 22.98
C SER A 188 1.85 12.94 23.06
N GLU A 189 1.37 14.13 23.39
CA GLU A 189 2.25 15.29 23.54
C GLU A 189 3.01 14.98 24.84
N PRO A 190 4.28 15.40 24.95
CA PRO A 190 5.11 16.13 24.00
C PRO A 190 5.45 15.31 22.77
N GLY A 191 5.64 14.01 22.96
CA GLY A 191 5.96 13.13 21.85
C GLY A 191 6.31 11.69 22.18
N LEU A 192 5.46 11.00 22.96
CA LEU A 192 5.73 9.60 23.28
C LEU A 192 4.83 8.66 22.49
N VAL A 193 5.30 7.46 22.18
CA VAL A 193 4.43 6.55 21.46
C VAL A 193 3.97 5.48 22.42
N LYS A 194 2.68 5.22 22.41
CA LYS A 194 2.10 4.26 23.33
C LYS A 194 1.20 3.22 22.68
N LEU A 195 1.25 2.00 23.23
CA LEU A 195 0.38 0.93 22.77
C LEU A 195 -0.95 1.14 23.46
N GLY A 196 -2.02 1.02 22.69
CA GLY A 196 -3.35 1.15 23.21
C GLY A 196 -4.15 -0.07 22.76
N ASP A 197 -5.45 -0.06 23.06
CA ASP A 197 -6.38 -1.13 22.68
C ASP A 197 -5.96 -2.51 23.18
N PHE A 198 -6.25 -2.79 24.44
CA PHE A 198 -5.89 -4.08 24.99
C PHE A 198 -7.09 -4.96 25.01
N GLY A 199 -8.07 -4.64 24.16
CA GLY A 199 -9.30 -5.41 24.09
C GLY A 199 -9.14 -6.88 23.72
N SER A 200 -8.07 -7.22 23.01
CA SER A 200 -7.85 -8.61 22.60
C SER A 200 -6.65 -9.24 23.28
N ALA A 201 -6.08 -8.57 24.28
CA ALA A 201 -4.89 -9.09 24.93
C ALA A 201 -5.08 -10.40 25.71
N SER A 202 -3.98 -11.10 25.94
CA SER A 202 -4.02 -12.35 26.69
C SER A 202 -3.24 -12.09 27.97
N ILE A 203 -3.76 -12.55 29.12
CA ILE A 203 -3.04 -12.38 30.39
C ILE A 203 -2.03 -13.48 30.60
N MET A 204 -2.00 -14.45 29.71
CA MET A 204 -1.05 -15.54 29.84
C MET A 204 -0.53 -16.02 28.48
N ALA A 205 0.67 -16.58 28.48
CA ALA A 205 1.28 -17.15 27.28
C ALA A 205 1.73 -18.52 27.76
N PRO A 206 1.61 -19.56 26.93
CA PRO A 206 1.07 -19.54 25.58
C PRO A 206 -0.44 -19.41 25.60
N ALA A 207 -1.00 -18.91 24.50
CA ALA A 207 -2.45 -18.74 24.36
C ALA A 207 -2.86 -19.53 23.12
N ASN A 208 -4.16 -19.69 22.89
CA ASN A 208 -4.59 -20.47 21.74
C ASN A 208 -5.82 -19.90 21.05
N PHE A 210 -8.44 -17.85 18.34
CA PHE A 210 -8.25 -17.16 17.08
C PHE A 210 -8.63 -15.69 17.27
N VAL A 211 -7.66 -14.81 17.59
CA VAL A 211 -7.96 -13.39 17.77
C VAL A 211 -6.89 -12.48 17.15
N GLY A 212 -7.30 -11.26 16.76
CA GLY A 212 -6.41 -10.29 16.16
C GLY A 212 -7.14 -9.69 14.96
N THR A 213 -6.43 -8.99 14.09
CA THR A 213 -7.05 -8.41 12.87
C THR A 213 -6.29 -9.15 11.75
N PRO A 214 -7.02 -9.90 10.90
CA PRO A 214 -6.48 -10.70 9.81
C PRO A 214 -5.16 -10.28 9.13
N TYR A 215 -5.10 -9.12 8.49
CA TYR A 215 -3.87 -8.70 7.79
C TYR A 215 -2.60 -8.64 8.65
N TRP A 216 -2.77 -8.44 9.96
CA TRP A 216 -1.64 -8.33 10.90
C TRP A 216 -1.36 -9.59 11.70
N MET A 217 -2.24 -10.58 11.57
CA MET A 217 -2.12 -11.82 12.31
C MET A 217 -0.96 -12.72 11.92
N ALA A 218 -0.28 -13.25 12.95
CA ALA A 218 0.83 -14.17 12.74
C ALA A 218 0.27 -15.52 12.25
N PRO A 219 1.08 -16.25 11.48
CA PRO A 219 0.65 -17.56 10.94
C PRO A 219 0.23 -18.55 12.02
N GLU A 220 1.01 -18.64 13.10
CA GLU A 220 0.68 -19.59 14.15
C GLU A 220 -0.60 -19.24 14.92
N VAL A 221 -1.08 -18.01 14.78
CA VAL A 221 -2.33 -17.65 15.44
C VAL A 221 -3.46 -18.15 14.52
N ILE A 222 -3.28 -17.96 13.22
CA ILE A 222 -4.27 -18.41 12.26
C ILE A 222 -4.40 -19.92 12.32
N LEU A 223 -3.30 -20.62 12.51
CA LEU A 223 -3.31 -22.07 12.58
C LEU A 223 -4.08 -22.60 13.80
N ALA A 224 -4.65 -21.68 14.60
CA ALA A 224 -5.45 -22.05 15.78
C ALA A 224 -6.93 -21.98 15.35
N MET A 225 -7.15 -21.49 14.14
CA MET A 225 -8.47 -21.41 13.52
C MET A 225 -8.99 -22.82 13.68
N ASP A 226 -8.03 -23.74 13.66
CA ASP A 226 -8.31 -25.15 13.86
C ASP A 226 -7.82 -25.41 15.29
N GLU A 227 -6.53 -25.60 15.45
CA GLU A 227 -5.98 -25.83 16.78
C GLU A 227 -4.47 -25.63 16.84
N GLY A 228 -4.00 -25.08 17.95
CA GLY A 228 -2.58 -24.84 18.16
C GLY A 228 -2.37 -23.75 19.21
N GLN A 229 -1.14 -23.58 19.67
CA GLN A 229 -0.85 -22.55 20.67
C GLN A 229 0.28 -21.65 20.16
N TYR A 230 0.43 -20.50 20.81
CA TYR A 230 1.46 -19.54 20.40
C TYR A 230 1.81 -18.64 21.59
N ASP A 231 2.81 -17.76 21.41
CA ASP A 231 3.23 -16.86 22.47
C ASP A 231 3.46 -15.41 22.03
N GLY A 232 4.20 -14.67 22.84
CA GLY A 232 4.44 -13.26 22.56
C GLY A 232 5.06 -12.98 21.20
N LYS A 233 5.69 -13.97 20.59
CA LYS A 233 6.26 -13.76 19.28
C LYS A 233 5.21 -13.40 18.23
N VAL A 234 3.92 -13.66 18.49
CA VAL A 234 2.93 -13.28 17.48
C VAL A 234 2.87 -11.77 17.41
N ASP A 235 3.22 -11.08 18.51
CA ASP A 235 3.24 -9.61 18.49
C ASP A 235 4.44 -9.08 17.70
N VAL A 236 5.55 -9.80 17.72
CA VAL A 236 6.75 -9.39 16.98
C VAL A 236 6.40 -9.46 15.46
N TRP A 237 5.69 -10.51 15.06
CA TRP A 237 5.24 -10.62 13.66
C TRP A 237 4.33 -9.43 13.31
N SER A 238 3.30 -9.19 14.13
CA SER A 238 2.40 -8.05 13.90
C SER A 238 3.16 -6.72 13.85
N LEU A 239 4.21 -6.60 14.65
CA LEU A 239 5.01 -5.38 14.64
C LEU A 239 5.70 -5.25 13.26
N GLY A 240 6.20 -6.37 12.74
CA GLY A 240 6.85 -6.36 11.42
C GLY A 240 5.83 -5.90 10.37
N ILE A 241 4.61 -6.44 10.40
CA ILE A 241 3.57 -6.01 9.46
C ILE A 241 3.27 -4.53 9.65
N THR A 242 3.21 -4.10 10.91
CA THR A 242 2.96 -2.69 11.21
C THR A 242 4.08 -1.82 10.64
N CYS A 243 5.33 -2.30 10.72
CA CYS A 243 6.46 -1.53 10.14
C CYS A 243 6.21 -1.35 8.63
N ILE A 244 5.74 -2.40 7.98
CA ILE A 244 5.47 -2.29 6.55
C ILE A 244 4.32 -1.30 6.35
N GLU A 245 3.30 -1.41 7.20
CA GLU A 245 2.15 -0.51 7.11
C GLU A 245 2.59 0.96 7.22
N LEU A 246 3.57 1.24 8.10
CA LEU A 246 4.03 2.63 8.28
C LEU A 246 4.90 3.08 7.10
N ALA A 247 5.54 2.12 6.45
CA ALA A 247 6.42 2.42 5.32
C ALA A 247 5.64 2.49 4.00
N GLU A 248 4.51 1.80 3.92
CA GLU A 248 3.73 1.72 2.68
C GLU A 248 2.25 2.14 2.76
N ARG A 249 1.82 2.58 3.94
CA ARG A 249 0.45 3.01 4.24
C ARG A 249 -0.57 1.89 4.45
N LYS A 250 -0.25 0.68 3.99
CA LYS A 250 -1.15 -0.45 4.16
C LYS A 250 -0.35 -1.71 4.43
N PRO A 251 -0.94 -2.70 5.12
CA PRO A 251 -0.22 -3.95 5.37
C PRO A 251 -0.34 -4.74 4.06
N PRO A 252 0.55 -5.71 3.82
CA PRO A 252 0.53 -6.54 2.61
C PRO A 252 -0.82 -7.28 2.59
N LEU A 253 -1.34 -7.62 1.43
CA LEU A 253 -2.62 -8.37 1.42
C LEU A 253 -3.87 -7.53 1.73
N PHE A 254 -3.71 -6.23 1.98
CA PHE A 254 -4.84 -5.34 2.25
C PHE A 254 -5.80 -5.34 1.07
N ASN A 255 -5.29 -5.74 -0.10
CA ASN A 255 -6.08 -5.77 -1.33
C ASN A 255 -6.76 -7.10 -1.58
N MET A 256 -6.90 -7.90 -0.52
CA MET A 256 -7.53 -9.21 -0.60
C MET A 256 -8.57 -9.30 0.53
N ASN A 257 -9.69 -9.99 0.31
CA ASN A 257 -10.69 -10.08 1.37
C ASN A 257 -10.11 -10.84 2.56
N ALA A 258 -10.52 -10.45 3.76
CA ALA A 258 -10.00 -11.03 5.01
C ALA A 258 -9.86 -12.54 5.08
N MET A 259 -10.90 -13.27 4.71
CA MET A 259 -10.78 -14.73 4.78
C MET A 259 -9.68 -15.29 3.87
N SER A 260 -9.62 -14.82 2.64
CA SER A 260 -8.57 -15.31 1.75
C SER A 260 -7.20 -14.89 2.26
N ALA A 261 -7.11 -13.70 2.84
CA ALA A 261 -5.84 -13.23 3.36
C ALA A 261 -5.35 -14.21 4.43
N LEU A 262 -6.24 -14.64 5.33
CA LEU A 262 -5.85 -15.58 6.39
C LEU A 262 -5.19 -16.82 5.83
N TYR A 263 -5.79 -17.46 4.83
CA TYR A 263 -5.17 -18.65 4.27
C TYR A 263 -3.83 -18.27 3.64
N HIS A 264 -3.80 -17.14 2.95
CA HIS A 264 -2.55 -16.69 2.33
C HIS A 264 -1.41 -16.55 3.35
N ILE A 265 -1.70 -15.90 4.48
CA ILE A 265 -0.68 -15.70 5.51
C ILE A 265 -0.17 -17.04 6.05
N ALA A 266 -1.09 -17.96 6.29
CA ALA A 266 -0.71 -19.27 6.83
C ALA A 266 0.12 -20.10 5.86
N GLN A 267 -0.26 -20.08 4.58
CA GLN A 267 0.40 -20.88 3.55
C GLN A 267 1.63 -20.28 2.82
N ASN A 268 1.62 -18.99 2.53
CA ASN A 268 2.71 -18.38 1.78
C ASN A 268 3.94 -17.89 2.55
N GLU A 269 5.03 -17.63 1.84
CA GLU A 269 6.21 -17.14 2.51
C GLU A 269 5.96 -15.70 2.96
N SER A 270 6.75 -15.25 3.92
CA SER A 270 6.61 -13.92 4.50
C SER A 270 6.72 -12.74 3.57
N PRO A 271 5.96 -11.66 3.83
CA PRO A 271 6.08 -10.51 2.95
C PRO A 271 7.29 -9.71 3.40
N ALA A 272 7.67 -8.68 2.66
CA ALA A 272 8.81 -7.87 3.06
C ALA A 272 8.54 -6.44 2.62
N LEU A 273 9.40 -5.51 3.02
CA LEU A 273 9.25 -4.14 2.58
C LEU A 273 9.44 -4.22 1.05
N GLN A 274 8.61 -3.49 0.31
CA GLN A 274 8.65 -3.49 -1.14
C GLN A 274 9.85 -2.84 -1.77
N SER A 275 10.20 -1.68 -1.24
CA SER A 275 11.28 -0.89 -1.79
C SER A 275 12.67 -1.14 -1.27
N GLY A 276 13.64 -1.02 -2.17
CA GLY A 276 15.03 -1.22 -1.80
C GLY A 276 15.65 0.06 -1.27
N HIS A 277 14.93 1.17 -1.28
CA HIS A 277 15.51 2.42 -0.79
C HIS A 277 15.64 2.55 0.73
N TRP A 278 14.89 1.76 1.50
CA TRP A 278 14.98 1.82 2.97
C TRP A 278 16.38 1.33 3.37
N SER A 279 16.86 1.72 4.52
CA SER A 279 18.17 1.28 4.95
C SER A 279 18.20 -0.23 5.19
N GLU A 280 19.41 -0.77 5.20
CA GLU A 280 19.63 -2.19 5.42
C GLU A 280 19.14 -2.59 6.82
N TYR A 281 19.36 -1.72 7.79
CA TYR A 281 18.92 -2.03 9.14
C TYR A 281 17.40 -2.21 9.24
N PHE A 282 16.66 -1.32 8.58
CA PHE A 282 15.20 -1.37 8.60
C PHE A 282 14.75 -2.65 7.90
N ARG A 283 15.28 -2.88 6.70
CA ARG A 283 14.90 -4.09 5.96
C ARG A 283 15.18 -5.33 6.80
N ASN A 284 16.33 -5.33 7.49
CA ASN A 284 16.70 -6.46 8.33
C ASN A 284 15.77 -6.63 9.54
N PHE A 285 15.40 -5.51 10.16
CA PHE A 285 14.49 -5.58 11.31
C PHE A 285 13.17 -6.24 10.90
N VAL A 286 12.60 -5.79 9.78
CA VAL A 286 11.35 -6.33 9.30
C VAL A 286 11.46 -7.81 8.93
N ASP A 287 12.52 -8.18 8.22
CA ASP A 287 12.70 -9.58 7.83
C ASP A 287 12.85 -10.48 9.07
N SER A 288 13.51 -9.98 10.11
CA SER A 288 13.65 -10.77 11.35
C SER A 288 12.27 -10.90 12.01
N CYS A 289 11.53 -9.78 12.11
CA CYS A 289 10.20 -9.82 12.69
C CYS A 289 9.30 -10.80 11.93
N LEU A 290 9.45 -10.85 10.61
CA LEU A 290 8.57 -11.72 9.83
C LEU A 290 9.05 -13.11 9.54
N GLN A 291 9.94 -13.65 10.36
CA GLN A 291 10.38 -15.03 10.17
C GLN A 291 9.14 -15.88 10.38
N LYS A 292 8.88 -16.80 9.46
CA LYS A 292 7.67 -17.61 9.59
C LYS A 292 7.75 -18.70 10.64
N ILE A 293 8.92 -19.29 10.82
CA ILE A 293 9.10 -20.33 11.84
C ILE A 293 9.27 -19.59 13.18
N PRO A 294 8.29 -19.73 14.08
CA PRO A 294 8.34 -19.07 15.38
C PRO A 294 9.66 -19.14 16.12
N GLN A 295 10.26 -20.32 16.21
CA GLN A 295 11.56 -20.44 16.91
C GLN A 295 12.69 -19.61 16.30
N ASP A 296 12.58 -19.29 15.02
CA ASP A 296 13.58 -18.48 14.33
C ASP A 296 13.27 -16.97 14.45
N ARG A 297 12.07 -16.65 14.91
CA ARG A 297 11.71 -15.26 15.07
C ARG A 297 12.23 -14.82 16.45
N PRO A 298 12.91 -13.66 16.52
CA PRO A 298 13.42 -13.22 17.82
C PRO A 298 12.32 -12.71 18.77
N THR A 299 12.61 -12.78 20.07
CA THR A 299 11.67 -12.26 21.07
C THR A 299 11.76 -10.74 21.02
N SER A 300 10.78 -10.06 21.61
CA SER A 300 10.84 -8.61 21.63
C SER A 300 12.03 -8.13 22.48
N GLU A 301 12.40 -8.91 23.49
CA GLU A 301 13.52 -8.55 24.36
C GLU A 301 14.81 -8.45 23.55
N VAL A 302 15.07 -9.45 22.71
CA VAL A 302 16.27 -9.43 21.88
C VAL A 302 16.29 -8.25 20.92
N LEU A 303 15.15 -7.95 20.28
CA LEU A 303 15.04 -6.86 19.32
C LEU A 303 15.27 -5.46 19.88
N LEU A 304 15.21 -5.30 21.20
CA LEU A 304 15.44 -4.00 21.81
C LEU A 304 16.86 -3.52 21.47
N LYS A 305 17.76 -4.47 21.25
CA LYS A 305 19.14 -4.14 20.93
C LYS A 305 19.48 -4.17 19.44
N HIS A 306 18.45 -4.30 18.60
CA HIS A 306 18.66 -4.34 17.15
C HIS A 306 19.10 -2.94 16.72
N ARG A 307 20.03 -2.88 15.79
CA ARG A 307 20.56 -1.63 15.29
C ARG A 307 19.49 -0.67 14.70
N PHE A 308 18.44 -1.19 14.11
CA PHE A 308 17.41 -0.31 13.53
C PHE A 308 16.78 0.57 14.61
N VAL A 309 16.56 -0.03 15.76
CA VAL A 309 15.93 0.68 16.85
C VAL A 309 16.89 1.55 17.67
N LEU A 310 18.15 1.13 17.77
CA LEU A 310 19.16 1.85 18.53
C LEU A 310 19.92 2.93 17.76
N ARG A 311 19.80 2.95 16.43
CA ARG A 311 20.46 3.97 15.62
C ARG A 311 20.09 5.36 16.12
N GLU A 312 21.09 6.24 16.23
CA GLU A 312 20.90 7.61 16.71
C GLU A 312 19.98 8.45 15.83
N ARG A 313 18.97 9.05 16.44
CA ARG A 313 18.04 9.91 15.73
C ARG A 313 17.74 11.13 16.60
N PRO A 314 17.33 12.25 15.98
CA PRO A 314 17.01 13.47 16.73
C PRO A 314 16.03 13.17 17.86
N PRO A 315 16.24 13.77 19.05
CA PRO A 315 15.36 13.55 20.20
C PRO A 315 13.99 14.19 20.05
N THR A 316 13.79 14.92 18.96
CA THR A 316 12.51 15.59 18.71
C THR A 316 11.78 15.04 17.49
N VAL A 317 12.19 13.86 17.03
CA VAL A 317 11.58 13.23 15.86
C VAL A 317 10.04 13.18 15.95
N ILE A 318 9.55 12.67 17.07
CA ILE A 318 8.11 12.55 17.27
C ILE A 318 7.45 13.91 17.42
N MET A 319 8.04 14.78 18.23
CA MET A 319 7.48 16.12 18.42
C MET A 319 7.33 16.78 17.06
N ASP A 320 8.40 16.77 16.26
CA ASP A 320 8.37 17.38 14.94
C ASP A 320 7.29 16.73 14.07
N LEU A 321 7.11 15.42 14.20
CA LEU A 321 6.10 14.73 13.42
C LEU A 321 4.72 15.28 13.81
N ILE A 322 4.48 15.33 15.13
CA ILE A 322 3.20 15.84 15.63
C ILE A 322 2.93 17.25 15.10
N GLN A 323 3.92 18.13 15.23
CA GLN A 323 3.81 19.50 14.76
C GLN A 323 3.55 19.48 13.25
N ARG A 324 4.35 18.68 12.55
CA ARG A 324 4.24 18.52 11.10
C ARG A 324 2.79 18.17 10.80
N THR A 325 2.22 17.24 11.57
CA THR A 325 0.85 16.79 11.38
C THR A 325 -0.18 17.87 11.73
N LYS A 326 0.00 18.55 12.87
CA LYS A 326 -0.92 19.61 13.25
C LYS A 326 -1.03 20.61 12.11
N ASP A 327 0.12 21.06 11.62
CA ASP A 327 0.17 22.01 10.52
C ASP A 327 -0.68 21.53 9.33
N ALA A 328 -0.56 20.25 8.99
CA ALA A 328 -1.28 19.70 7.85
C ALA A 328 -2.78 19.58 8.11
N VAL A 329 -3.16 19.26 9.34
CA VAL A 329 -4.58 19.13 9.66
C VAL A 329 -5.26 20.47 9.51
N ARG A 330 -4.57 21.52 9.92
CA ARG A 330 -5.13 22.85 9.80
C ARG A 330 -5.28 23.25 8.33
N GLU A 331 -4.58 22.54 7.44
CA GLU A 331 -4.65 22.84 6.01
C GLU A 331 -5.64 21.96 5.25
N LEU A 332 -5.89 20.75 5.75
CA LEU A 332 -6.84 19.87 5.08
C LEU A 332 -8.09 20.68 4.84
N ASP A 333 -8.49 20.83 3.58
CA ASP A 333 -9.69 21.61 3.33
C ASP A 333 -10.91 20.97 3.98
N ASN A 334 -11.71 21.81 4.64
CA ASN A 334 -12.91 21.41 5.38
C ASN A 334 -12.49 21.02 6.80
N LEU A 335 -11.76 21.92 7.45
CA LEU A 335 -11.26 21.73 8.82
C LEU A 335 -12.37 21.60 9.85
N GLN A 336 -13.56 22.10 9.51
CA GLN A 336 -14.73 22.04 10.39
C GLN A 336 -15.49 20.74 10.16
N TYR A 337 -15.17 20.06 9.06
CA TYR A 337 -15.79 18.79 8.71
C TYR A 337 -14.73 17.69 8.64
N ARG A 338 -13.62 17.91 9.35
CA ARG A 338 -12.52 16.96 9.39
C ARG A 338 -12.70 15.84 10.41
N LYS A 339 -12.16 14.68 10.11
CA LYS A 339 -12.22 13.54 11.02
C LYS A 339 -10.85 13.49 11.66
N MET A 340 -10.01 14.43 11.26
CA MET A 340 -8.65 14.56 11.77
C MET A 340 -8.52 15.85 12.56
N LYS A 341 -9.56 16.67 12.54
CA LYS A 341 -9.55 17.93 13.27
C LYS A 341 -9.39 17.70 14.79
N LYS A 342 -9.66 16.48 15.23
CA LYS A 342 -9.54 16.13 16.64
C LYS A 342 -8.11 16.39 17.14
N ILE A 343 -7.15 16.25 16.23
CA ILE A 343 -5.76 16.46 16.58
C ILE A 343 -5.55 17.89 17.09
N LEU A 344 -6.58 18.73 16.95
CA LEU A 344 -6.51 20.13 17.40
C LEU A 344 -7.56 20.44 18.48
N PHE A 345 -8.32 19.42 18.89
CA PHE A 345 -9.38 19.58 19.89
C PHE A 345 -8.99 20.29 21.18
N GLN A 346 -7.79 19.98 21.68
CA GLN A 346 -7.34 20.60 22.93
C GLN A 346 -7.04 22.08 22.77
N GLU A 347 -7.16 22.58 21.55
CA GLU A 347 -6.90 24.00 21.27
C GLU A 347 -8.21 24.79 21.19
N ALA A 348 -9.32 24.08 21.36
CA ALA A 348 -10.66 24.67 21.33
C ALA A 348 -11.12 25.10 22.72
N ASP B 40 -11.82 -20.10 -4.22
CA ASP B 40 -12.14 -21.17 -5.20
C ASP B 40 -13.54 -21.71 -4.93
N PRO B 41 -14.53 -21.39 -5.80
CA PRO B 41 -14.43 -20.57 -7.01
C PRO B 41 -13.71 -19.23 -6.82
N ASP B 42 -13.03 -18.79 -7.87
CA ASP B 42 -12.28 -17.54 -7.85
C ASP B 42 -13.06 -16.35 -7.32
N VAL B 43 -14.37 -16.33 -7.57
CA VAL B 43 -15.24 -15.25 -7.12
C VAL B 43 -15.11 -15.04 -5.61
N ALA B 44 -14.95 -16.13 -4.88
CA ALA B 44 -14.83 -16.07 -3.44
C ALA B 44 -13.49 -15.50 -2.97
N GLU B 45 -12.40 -16.00 -3.54
CA GLU B 45 -11.05 -15.59 -3.13
C GLU B 45 -10.47 -14.31 -3.69
N LEU B 46 -10.86 -13.96 -4.91
CA LEU B 46 -10.32 -12.77 -5.57
C LEU B 46 -11.05 -11.47 -5.36
N PHE B 47 -12.30 -11.54 -4.94
CA PHE B 47 -13.06 -10.31 -4.80
C PHE B 47 -13.56 -9.97 -3.42
N PHE B 48 -13.73 -8.67 -3.18
CA PHE B 48 -14.30 -8.20 -1.95
C PHE B 48 -15.79 -8.33 -2.26
N LYS B 49 -16.65 -8.46 -1.25
CA LYS B 49 -18.07 -8.63 -1.52
C LYS B 49 -18.83 -7.30 -1.57
N ASP B 50 -18.19 -6.23 -1.16
CA ASP B 50 -18.83 -4.91 -1.16
C ASP B 50 -19.37 -4.45 -2.51
N ASP B 51 -20.29 -3.50 -2.46
CA ASP B 51 -20.90 -2.92 -3.65
C ASP B 51 -20.04 -1.72 -4.04
N PRO B 52 -19.27 -1.86 -5.13
CA PRO B 52 -18.41 -0.77 -5.59
C PRO B 52 -19.10 0.56 -5.78
N GLU B 53 -20.35 0.53 -6.20
CA GLU B 53 -21.09 1.77 -6.41
C GLU B 53 -21.21 2.58 -5.13
N LYS B 54 -21.17 1.91 -3.98
CA LYS B 54 -21.27 2.59 -2.69
C LYS B 54 -19.90 3.04 -2.18
N LEU B 55 -18.84 2.41 -2.69
CA LEU B 55 -17.51 2.77 -2.24
C LEU B 55 -16.84 3.89 -3.03
N PHE B 56 -17.13 3.98 -4.32
CA PHE B 56 -16.47 4.99 -5.15
C PHE B 56 -17.35 6.04 -5.81
N SER B 57 -16.90 7.29 -5.77
CA SER B 57 -17.66 8.38 -6.37
C SER B 57 -16.80 9.31 -7.24
N ASP B 58 -17.49 10.14 -8.01
CA ASP B 58 -16.91 11.11 -8.92
C ASP B 58 -16.07 10.43 -10.00
N LEU B 59 -16.63 9.38 -10.59
CA LEU B 59 -15.95 8.63 -11.64
C LEU B 59 -15.84 9.46 -12.94
N ARG B 60 -14.63 9.52 -13.50
CA ARG B 60 -14.36 10.24 -14.76
C ARG B 60 -13.44 9.37 -15.64
N GLU B 61 -13.85 9.16 -16.89
CA GLU B 61 -13.06 8.35 -17.81
C GLU B 61 -11.69 8.99 -17.99
N ILE B 62 -10.65 8.17 -17.89
CA ILE B 62 -9.29 8.66 -18.07
C ILE B 62 -8.57 7.71 -18.99
N GLY B 63 -9.34 6.78 -19.56
CA GLY B 63 -8.76 5.83 -20.47
C GLY B 63 -9.82 4.84 -20.90
N HIS B 64 -9.57 4.13 -21.99
CA HIS B 64 -10.53 3.15 -22.45
C HIS B 64 -9.78 1.90 -22.88
N GLY B 65 -10.31 0.75 -22.49
CA GLY B 65 -9.69 -0.49 -22.84
C GLY B 65 -10.63 -1.40 -23.60
N SER B 66 -10.18 -2.62 -23.82
CA SER B 66 -10.96 -3.61 -24.55
C SER B 66 -12.18 -4.11 -23.79
N PHE B 67 -12.10 -4.15 -22.45
CA PHE B 67 -13.23 -4.64 -21.65
C PHE B 67 -14.03 -3.50 -21.05
N GLY B 68 -13.57 -2.27 -21.25
CA GLY B 68 -14.28 -1.13 -20.69
C GLY B 68 -13.33 0.02 -20.45
N ALA B 69 -13.82 1.07 -19.81
CA ALA B 69 -12.99 2.22 -19.53
C ALA B 69 -12.25 2.13 -18.19
N VAL B 70 -11.32 3.05 -17.99
CA VAL B 70 -10.57 3.14 -16.75
C VAL B 70 -11.00 4.49 -16.22
N TYR B 71 -11.26 4.57 -14.93
CA TYR B 71 -11.72 5.82 -14.34
C TYR B 71 -10.92 6.41 -13.20
N PHE B 72 -11.00 7.72 -13.11
CA PHE B 72 -10.44 8.46 -12.00
C PHE B 72 -11.62 8.34 -11.02
N ALA B 73 -11.35 8.10 -9.74
CA ALA B 73 -12.44 7.99 -8.77
C ALA B 73 -11.98 8.32 -7.37
N ARG B 74 -12.92 8.49 -6.46
CA ARG B 74 -12.59 8.79 -5.08
C ARG B 74 -13.19 7.75 -4.16
N ASP B 75 -12.34 7.16 -3.33
CA ASP B 75 -12.76 6.14 -2.37
C ASP B 75 -13.39 7.00 -1.26
N VAL B 76 -14.65 6.74 -0.94
CA VAL B 76 -15.32 7.53 0.09
C VAL B 76 -14.80 7.25 1.50
N ARG B 77 -14.30 6.04 1.73
CA ARG B 77 -13.79 5.68 3.03
C ARG B 77 -12.67 6.59 3.52
N ASN B 78 -11.89 7.18 2.61
CA ASN B 78 -10.80 8.05 3.04
C ASN B 78 -10.48 9.21 2.12
N SER B 79 -11.37 9.47 1.15
CA SER B 79 -11.17 10.57 0.20
C SER B 79 -9.94 10.35 -0.69
N GLU B 80 -9.50 9.10 -0.76
CA GLU B 80 -8.34 8.72 -1.55
C GLU B 80 -8.67 8.68 -3.03
N VAL B 81 -7.87 9.34 -3.87
CA VAL B 81 -8.10 9.27 -5.30
C VAL B 81 -7.67 7.85 -5.71
N VAL B 82 -8.40 7.25 -6.63
CA VAL B 82 -8.11 5.90 -7.04
C VAL B 82 -8.39 5.72 -8.55
N ALA B 83 -7.87 4.65 -9.15
CA ALA B 83 -8.16 4.40 -10.57
C ALA B 83 -8.93 3.10 -10.64
N ILE B 84 -9.98 3.08 -11.45
CA ILE B 84 -10.81 1.89 -11.58
C ILE B 84 -10.91 1.42 -13.02
N LYS B 85 -10.54 0.17 -13.23
CA LYS B 85 -10.60 -0.41 -14.56
C LYS B 85 -11.78 -1.37 -14.58
N LYS B 86 -12.89 -0.95 -15.18
CA LYS B 86 -14.07 -1.80 -15.26
C LYS B 86 -13.90 -2.76 -16.42
N MET B 87 -14.26 -4.02 -16.19
CA MET B 87 -14.15 -5.05 -17.20
C MET B 87 -15.42 -5.88 -17.23
N SER B 88 -16.18 -5.70 -18.30
CA SER B 88 -17.44 -6.41 -18.47
C SER B 88 -17.23 -7.75 -19.12
N TYR B 89 -18.06 -8.71 -18.75
CA TYR B 89 -18.01 -10.03 -19.35
C TYR B 89 -19.43 -10.32 -19.84
N SER B 90 -20.16 -9.25 -20.12
CA SER B 90 -21.51 -9.35 -20.62
C SER B 90 -21.42 -9.90 -22.03
N GLY B 91 -22.48 -9.73 -22.82
CA GLY B 91 -22.46 -10.26 -24.17
C GLY B 91 -22.36 -11.78 -24.10
N LYS B 92 -22.03 -12.41 -25.22
CA LYS B 92 -21.91 -13.86 -25.21
C LYS B 92 -20.52 -14.28 -25.61
N GLN B 93 -19.59 -13.97 -24.72
CA GLN B 93 -18.18 -14.28 -24.89
C GLN B 93 -17.73 -14.31 -23.44
N SER B 94 -18.70 -14.07 -22.56
CA SER B 94 -18.50 -14.04 -21.12
C SER B 94 -17.50 -15.03 -20.58
N ASN B 95 -17.77 -16.32 -20.75
CA ASN B 95 -16.87 -17.35 -20.24
C ASN B 95 -15.43 -17.16 -20.68
N GLU B 96 -15.23 -16.42 -21.77
CA GLU B 96 -13.88 -16.14 -22.27
C GLU B 96 -13.39 -14.84 -21.66
N LYS B 97 -14.21 -13.80 -21.77
CA LYS B 97 -13.87 -12.50 -21.21
C LYS B 97 -13.64 -12.64 -19.70
N TRP B 98 -14.46 -13.48 -19.06
CA TRP B 98 -14.33 -13.70 -17.62
C TRP B 98 -12.96 -14.32 -17.34
N GLN B 99 -12.62 -15.36 -18.09
CA GLN B 99 -11.32 -16.02 -17.92
C GLN B 99 -10.17 -15.02 -18.00
N ASP B 100 -10.23 -14.10 -18.97
CA ASP B 100 -9.18 -13.10 -19.11
C ASP B 100 -9.17 -12.14 -17.94
N ILE B 101 -10.35 -11.75 -17.48
CA ILE B 101 -10.46 -10.84 -16.36
C ILE B 101 -9.80 -11.50 -15.17
N ILE B 102 -10.19 -12.73 -14.90
CA ILE B 102 -9.68 -13.49 -13.78
C ILE B 102 -8.16 -13.63 -13.78
N LYS B 103 -7.57 -13.92 -14.93
CA LYS B 103 -6.13 -14.06 -15.02
C LYS B 103 -5.45 -12.76 -14.64
N GLU B 104 -5.96 -11.65 -15.15
CA GLU B 104 -5.37 -10.34 -14.86
C GLU B 104 -5.48 -10.01 -13.36
N VAL B 105 -6.61 -10.34 -12.75
CA VAL B 105 -6.78 -10.08 -11.33
C VAL B 105 -5.84 -10.99 -10.54
N ARG B 106 -5.72 -12.25 -10.96
CA ARG B 106 -4.84 -13.21 -10.28
C ARG B 106 -3.41 -12.67 -10.28
N PHE B 107 -2.98 -12.17 -11.44
CA PHE B 107 -1.63 -11.65 -11.60
C PHE B 107 -1.39 -10.42 -10.72
N LEU B 108 -2.33 -9.49 -10.75
CA LEU B 108 -2.23 -8.24 -9.98
C LEU B 108 -2.13 -8.43 -8.47
N GLN B 109 -2.82 -9.43 -7.96
CA GLN B 109 -2.81 -9.70 -6.53
C GLN B 109 -1.44 -10.14 -6.03
N LYS B 110 -0.65 -10.73 -6.90
CA LYS B 110 0.68 -11.22 -6.55
C LYS B 110 1.77 -10.15 -6.41
N LEU B 111 1.57 -9.02 -7.07
CA LEU B 111 2.58 -7.97 -7.11
C LEU B 111 2.87 -7.07 -5.90
N ARG B 112 4.13 -7.01 -5.51
CA ARG B 112 4.57 -6.13 -4.43
C ARG B 112 5.93 -5.53 -4.80
N HIS B 113 5.91 -4.53 -5.67
CA HIS B 113 7.14 -3.88 -6.09
C HIS B 113 6.82 -2.43 -6.37
N PRO B 114 7.70 -1.50 -5.96
CA PRO B 114 7.42 -0.09 -6.20
C PRO B 114 7.22 0.30 -7.67
N ASN B 115 7.80 -0.44 -8.61
CA ASN B 115 7.66 -0.10 -10.03
C ASN B 115 6.60 -0.89 -10.80
N THR B 116 5.64 -1.45 -10.08
CA THR B 116 4.52 -2.13 -10.72
C THR B 116 3.34 -1.39 -10.10
N ILE B 117 2.26 -1.25 -10.85
CA ILE B 117 1.12 -0.51 -10.34
C ILE B 117 0.56 -1.15 -9.06
N GLN B 118 0.21 -0.34 -8.07
CA GLN B 118 -0.36 -0.89 -6.82
C GLN B 118 -1.81 -1.31 -7.03
N TYR B 119 -2.11 -2.57 -6.73
CA TYR B 119 -3.45 -3.13 -6.84
C TYR B 119 -4.14 -2.95 -5.47
N ARG B 120 -5.37 -2.43 -5.48
CA ARG B 120 -6.11 -2.19 -4.24
C ARG B 120 -7.32 -3.10 -3.99
N GLY B 121 -7.58 -4.02 -4.91
CA GLY B 121 -8.71 -4.92 -4.72
C GLY B 121 -9.69 -4.97 -5.88
N CYS B 122 -10.49 -6.03 -5.95
CA CYS B 122 -11.46 -6.17 -7.03
C CYS B 122 -12.89 -6.34 -6.49
N TYR B 123 -13.85 -5.70 -7.15
CA TYR B 123 -15.27 -5.81 -6.79
C TYR B 123 -16.04 -6.29 -8.02
N LEU B 124 -17.25 -6.82 -7.80
CA LEU B 124 -18.08 -7.32 -8.90
C LEU B 124 -19.49 -6.74 -8.81
N ARG B 125 -19.97 -6.22 -9.92
CA ARG B 125 -21.31 -5.66 -9.99
C ARG B 125 -21.90 -5.99 -11.34
N GLU B 126 -22.92 -6.83 -11.34
CA GLU B 126 -23.63 -7.24 -12.54
C GLU B 126 -22.76 -7.39 -13.79
N HIS B 127 -22.06 -8.51 -13.91
CA HIS B 127 -21.26 -8.75 -15.11
C HIS B 127 -20.11 -7.77 -15.40
N THR B 128 -19.81 -6.89 -14.45
CA THR B 128 -18.70 -5.95 -14.60
C THR B 128 -17.78 -5.99 -13.38
N ALA B 129 -16.54 -6.43 -13.58
CA ALA B 129 -15.57 -6.49 -12.50
C ALA B 129 -14.93 -5.11 -12.37
N TRP B 130 -14.83 -4.63 -11.13
CA TRP B 130 -14.23 -3.35 -10.83
C TRP B 130 -12.85 -3.60 -10.24
N LEU B 131 -11.81 -3.40 -11.06
CA LEU B 131 -10.41 -3.61 -10.69
C LEU B 131 -9.87 -2.25 -10.22
N VAL B 132 -9.58 -2.14 -8.93
CA VAL B 132 -9.10 -0.89 -8.35
C VAL B 132 -7.58 -0.82 -8.15
N MET B 133 -6.99 0.31 -8.53
CA MET B 133 -5.53 0.50 -8.45
C MET B 133 -5.20 1.89 -7.93
N GLU B 134 -3.95 2.10 -7.54
CA GLU B 134 -3.55 3.44 -7.14
C GLU B 134 -3.72 4.28 -8.42
N TYR B 135 -3.95 5.57 -8.25
CA TYR B 135 -4.16 6.47 -9.36
C TYR B 135 -2.85 7.07 -9.86
N CYS B 136 -2.68 7.07 -11.17
CA CYS B 136 -1.50 7.65 -11.79
C CYS B 136 -1.94 8.84 -12.64
N LEU B 137 -1.13 9.90 -12.71
CA LEU B 137 -1.51 11.07 -13.51
C LEU B 137 -1.72 10.73 -14.97
N GLY B 138 -0.93 9.79 -15.48
CA GLY B 138 -1.06 9.42 -16.88
C GLY B 138 0.05 8.47 -17.27
N SER B 139 0.07 8.05 -18.53
CA SER B 139 1.10 7.14 -19.03
C SER B 139 2.22 7.92 -19.73
N ALA B 140 3.31 7.21 -20.04
CA ALA B 140 4.45 7.82 -20.74
C ALA B 140 3.99 8.27 -22.13
N SER B 141 3.04 7.53 -22.70
CA SER B 141 2.47 7.84 -24.00
C SER B 141 1.75 9.19 -23.93
N ASP B 142 1.03 9.42 -22.83
CA ASP B 142 0.30 10.68 -22.65
C ASP B 142 1.28 11.83 -22.65
N LEU B 143 2.46 11.63 -22.04
CA LEU B 143 3.49 12.66 -21.99
C LEU B 143 4.01 13.02 -23.40
N LEU B 144 4.16 12.00 -24.25
CA LEU B 144 4.61 12.20 -25.61
C LEU B 144 3.57 12.98 -26.40
N GLU B 145 2.30 12.64 -26.20
CA GLU B 145 1.24 13.31 -26.91
C GLU B 145 1.03 14.75 -26.47
N VAL B 146 1.22 15.01 -25.19
CA VAL B 146 1.06 16.37 -24.65
C VAL B 146 2.11 17.34 -25.16
N HIS B 147 3.37 16.92 -25.16
CA HIS B 147 4.44 17.80 -25.61
C HIS B 147 4.66 17.76 -27.11
N LYS B 148 4.05 16.78 -27.78
CA LYS B 148 4.21 16.66 -29.22
C LYS B 148 5.72 16.65 -29.51
N LYS B 149 6.48 16.10 -28.58
CA LYS B 149 7.94 15.99 -28.72
C LYS B 149 8.49 14.81 -27.93
N PRO B 150 9.70 14.36 -28.29
CA PRO B 150 10.29 13.25 -27.56
C PRO B 150 10.74 13.80 -26.22
N LEU B 151 11.00 12.93 -25.26
CA LEU B 151 11.47 13.39 -23.97
C LEU B 151 12.97 13.65 -24.01
N GLN B 152 13.49 14.37 -23.01
CA GLN B 152 14.92 14.65 -22.91
C GLN B 152 15.57 13.29 -22.59
N GLU B 153 16.84 13.11 -22.94
CA GLU B 153 17.45 11.82 -22.68
C GLU B 153 17.44 11.41 -21.21
N VAL B 154 17.71 12.37 -20.33
CA VAL B 154 17.74 12.08 -18.91
C VAL B 154 16.36 11.59 -18.44
N GLU B 155 15.30 12.09 -19.08
CA GLU B 155 13.94 11.68 -18.73
C GLU B 155 13.71 10.26 -19.26
N ILE B 156 14.21 9.96 -20.47
CA ILE B 156 14.04 8.62 -21.00
C ILE B 156 14.80 7.66 -20.08
N ALA B 157 15.96 8.10 -19.59
CA ALA B 157 16.77 7.27 -18.70
C ALA B 157 15.99 6.97 -17.40
N ALA B 158 15.36 7.99 -16.83
CA ALA B 158 14.59 7.78 -15.59
C ALA B 158 13.41 6.82 -15.84
N VAL B 159 12.65 7.08 -16.90
CA VAL B 159 11.52 6.23 -17.23
C VAL B 159 12.01 4.80 -17.50
N THR B 160 13.08 4.69 -18.28
CA THR B 160 13.62 3.37 -18.59
C THR B 160 14.07 2.60 -17.35
N HIS B 161 14.71 3.31 -16.43
CA HIS B 161 15.21 2.70 -15.20
C HIS B 161 14.03 2.15 -14.36
N GLY B 162 12.98 2.95 -14.17
CA GLY B 162 11.83 2.47 -13.41
C GLY B 162 11.18 1.23 -14.00
N ALA B 163 10.93 1.25 -15.32
CA ALA B 163 10.31 0.11 -15.97
C ALA B 163 11.21 -1.11 -15.91
N LEU B 164 12.52 -0.88 -16.02
CA LEU B 164 13.47 -1.98 -15.98
C LEU B 164 13.43 -2.66 -14.60
N GLN B 165 13.42 -1.86 -13.56
CA GLN B 165 13.34 -2.44 -12.21
C GLN B 165 12.07 -3.26 -12.08
N GLY B 166 10.96 -2.77 -12.63
CA GLY B 166 9.73 -3.54 -12.54
C GLY B 166 9.85 -4.86 -13.28
N LEU B 167 10.47 -4.83 -14.47
CA LEU B 167 10.63 -6.04 -15.26
C LEU B 167 11.55 -7.06 -14.59
N ALA B 168 12.63 -6.58 -13.98
CA ALA B 168 13.56 -7.49 -13.31
C ALA B 168 12.83 -8.17 -12.14
N TYR B 169 11.97 -7.41 -11.46
CA TYR B 169 11.19 -7.98 -10.36
C TYR B 169 10.35 -9.11 -10.96
N LEU B 170 9.58 -8.80 -11.99
CA LEU B 170 8.73 -9.82 -12.64
C LEU B 170 9.48 -11.05 -13.11
N HIS B 171 10.61 -10.84 -13.79
CA HIS B 171 11.37 -11.97 -14.33
C HIS B 171 11.96 -12.86 -13.23
N SER B 172 12.37 -12.26 -12.12
CA SER B 172 12.94 -13.05 -11.02
C SER B 172 11.88 -13.99 -10.49
N HIS B 173 10.61 -13.66 -10.72
CA HIS B 173 9.53 -14.50 -10.24
C HIS B 173 9.00 -15.37 -11.36
N ASN B 174 9.79 -15.46 -12.43
CA ASN B 174 9.43 -16.29 -13.55
C ASN B 174 8.15 -15.85 -14.26
N MET B 175 7.86 -14.55 -14.20
CA MET B 175 6.68 -13.98 -14.86
C MET B 175 7.14 -13.18 -16.10
N ILE B 176 6.22 -12.88 -17.01
CA ILE B 176 6.55 -12.10 -18.22
C ILE B 176 5.40 -11.12 -18.45
N HIS B 177 5.72 -9.84 -18.69
CA HIS B 177 4.69 -8.84 -18.90
C HIS B 177 4.00 -9.01 -20.24
N ARG B 178 4.83 -9.11 -21.28
CA ARG B 178 4.41 -9.30 -22.69
C ARG B 178 3.76 -8.15 -23.42
N ASP B 179 3.64 -6.99 -22.77
CA ASP B 179 3.04 -5.85 -23.46
C ASP B 179 3.66 -4.55 -22.97
N VAL B 180 4.99 -4.46 -22.90
CA VAL B 180 5.56 -3.19 -22.45
C VAL B 180 5.59 -2.22 -23.64
N LYS B 181 5.17 -0.99 -23.37
CA LYS B 181 5.11 0.07 -24.40
C LYS B 181 4.86 1.33 -23.60
N ALA B 182 5.08 2.51 -24.19
CA ALA B 182 4.87 3.72 -23.42
C ALA B 182 3.45 3.83 -22.86
N GLY B 183 2.47 3.30 -23.59
CA GLY B 183 1.09 3.39 -23.14
C GLY B 183 0.76 2.55 -21.90
N ASN B 184 1.65 1.63 -21.55
CA ASN B 184 1.42 0.79 -20.37
C ASN B 184 2.38 1.15 -19.25
N ILE B 185 3.10 2.27 -19.40
CA ILE B 185 4.01 2.72 -18.36
C ILE B 185 3.35 3.95 -17.74
N LEU B 186 3.02 3.86 -16.46
CA LEU B 186 2.32 4.93 -15.75
C LEU B 186 3.22 5.76 -14.86
N LEU B 187 2.89 7.04 -14.70
CA LEU B 187 3.68 7.93 -13.86
C LEU B 187 2.86 8.32 -12.63
N SER B 188 3.48 8.19 -11.46
CA SER B 188 2.84 8.49 -10.17
C SER B 188 3.22 9.87 -9.64
N GLU B 189 2.21 10.61 -9.19
CA GLU B 189 2.34 11.99 -8.67
C GLU B 189 3.64 12.39 -7.99
N PRO B 190 4.04 11.66 -6.93
CA PRO B 190 5.30 12.07 -6.29
C PRO B 190 6.37 12.14 -7.37
N GLY B 191 6.53 11.02 -8.07
CA GLY B 191 7.50 10.94 -9.14
C GLY B 191 7.99 9.52 -9.31
N LEU B 192 7.08 8.57 -9.43
CA LEU B 192 7.45 7.16 -9.58
C LEU B 192 7.00 6.60 -10.91
N VAL B 193 7.84 5.75 -11.51
CA VAL B 193 7.53 5.12 -12.78
C VAL B 193 7.01 3.69 -12.50
N LYS B 194 5.84 3.35 -13.02
CA LYS B 194 5.23 2.05 -12.77
C LYS B 194 4.72 1.30 -13.98
N LEU B 195 4.98 0.00 -14.03
CA LEU B 195 4.47 -0.86 -15.08
C LEU B 195 2.99 -1.10 -14.80
N GLY B 196 2.15 -1.00 -15.83
CA GLY B 196 0.73 -1.23 -15.67
C GLY B 196 0.28 -2.22 -16.73
N ASP B 197 -1.02 -2.53 -16.73
CA ASP B 197 -1.63 -3.43 -17.71
C ASP B 197 -1.05 -4.84 -17.81
N PHE B 198 -1.46 -5.70 -16.90
CA PHE B 198 -1.00 -7.08 -16.88
C PHE B 198 -1.97 -8.00 -17.59
N GLY B 199 -2.79 -7.43 -18.48
CA GLY B 199 -3.77 -8.21 -19.21
C GLY B 199 -3.20 -9.27 -20.14
N SER B 200 -1.96 -9.11 -20.58
CA SER B 200 -1.34 -10.10 -21.49
C SER B 200 -0.21 -10.89 -20.81
N ALA B 201 -0.03 -10.65 -19.51
CA ALA B 201 1.05 -11.27 -18.76
C ALA B 201 0.99 -12.77 -18.64
N SER B 202 2.17 -13.36 -18.41
CA SER B 202 2.31 -14.79 -18.24
C SER B 202 2.75 -15.07 -16.81
N ILE B 203 2.09 -16.03 -16.16
CA ILE B 203 2.43 -16.39 -14.78
C ILE B 203 3.67 -17.26 -14.72
N MET B 204 4.07 -17.80 -15.86
CA MET B 204 5.28 -18.63 -15.92
C MET B 204 6.11 -18.34 -17.17
N ALA B 205 7.27 -18.96 -17.23
CA ALA B 205 8.19 -18.82 -18.35
C ALA B 205 8.96 -20.12 -18.36
N PRO B 206 9.23 -20.70 -19.53
CA PRO B 206 8.89 -20.26 -20.90
C PRO B 206 7.39 -20.16 -21.16
N ALA B 207 7.03 -19.44 -22.21
CA ALA B 207 5.65 -19.29 -22.60
C ALA B 207 5.62 -19.46 -24.12
N ASN B 208 4.43 -19.61 -24.70
CA ASN B 208 4.35 -19.83 -26.14
C ASN B 208 3.33 -18.94 -26.84
N PHE B 210 0.95 -16.21 -28.77
CA PHE B 210 1.07 -15.05 -29.62
C PHE B 210 0.31 -13.91 -28.96
N VAL B 211 0.99 -13.14 -28.13
CA VAL B 211 0.31 -12.05 -27.44
C VAL B 211 1.18 -10.80 -27.36
N GLY B 212 0.55 -9.63 -27.24
CA GLY B 212 1.29 -8.38 -27.15
C GLY B 212 0.74 -7.36 -28.13
N THR B 213 1.48 -6.29 -28.38
CA THR B 213 1.03 -5.25 -29.32
C THR B 213 2.09 -5.32 -30.43
N PRO B 214 1.66 -5.68 -31.65
CA PRO B 214 2.50 -5.84 -32.85
C PRO B 214 3.81 -5.07 -32.98
N TYR B 215 3.77 -3.75 -33.01
CA TYR B 215 5.00 -2.98 -33.19
C TYR B 215 6.05 -3.17 -32.09
N TRP B 216 5.61 -3.61 -30.91
CA TRP B 216 6.53 -3.79 -29.78
C TRP B 216 6.90 -5.25 -29.54
N MET B 217 6.28 -6.16 -30.29
CA MET B 217 6.54 -7.57 -30.14
C MET B 217 7.92 -8.04 -30.58
N ALA B 218 8.52 -8.95 -29.79
CA ALA B 218 9.83 -9.51 -30.10
C ALA B 218 9.70 -10.59 -31.18
N PRO B 219 10.75 -10.75 -32.01
CA PRO B 219 10.72 -11.76 -33.08
C PRO B 219 10.38 -13.19 -32.62
N GLU B 220 10.92 -13.64 -31.48
CA GLU B 220 10.65 -15.00 -30.99
C GLU B 220 9.18 -15.23 -30.73
N VAL B 221 8.48 -14.20 -30.28
CA VAL B 221 7.06 -14.35 -29.99
C VAL B 221 6.30 -14.56 -31.28
N ILE B 222 6.67 -13.79 -32.30
CA ILE B 222 6.04 -13.89 -33.60
C ILE B 222 6.38 -15.25 -34.22
N LEU B 223 7.65 -15.63 -34.13
CA LEU B 223 8.12 -16.89 -34.68
C LEU B 223 7.57 -18.11 -33.93
N ALA B 224 7.40 -17.98 -32.63
CA ALA B 224 6.87 -19.08 -31.82
C ALA B 224 5.53 -19.48 -32.42
N MET B 225 4.89 -18.52 -33.04
CA MET B 225 3.59 -18.72 -33.69
C MET B 225 2.59 -19.38 -32.76
N ASP B 226 2.60 -18.95 -31.50
CA ASP B 226 1.70 -19.45 -30.46
C ASP B 226 1.93 -20.92 -30.04
N GLU B 227 3.15 -21.43 -30.28
CA GLU B 227 3.46 -22.80 -29.91
C GLU B 227 4.95 -23.06 -29.72
N GLY B 228 5.77 -22.05 -29.99
CA GLY B 228 7.20 -22.19 -29.78
C GLY B 228 7.40 -21.72 -28.36
N GLN B 229 8.61 -21.33 -27.96
CA GLN B 229 8.76 -20.86 -26.59
C GLN B 229 9.72 -19.70 -26.46
N TYR B 230 9.44 -18.83 -25.49
CA TYR B 230 10.27 -17.66 -25.26
C TYR B 230 10.22 -17.36 -23.78
N ASP B 231 11.04 -16.43 -23.32
CA ASP B 231 11.08 -16.10 -21.90
C ASP B 231 10.99 -14.61 -21.62
N GLY B 232 11.47 -14.20 -20.46
CA GLY B 232 11.41 -12.79 -20.09
C GLY B 232 12.17 -11.86 -21.03
N LYS B 233 13.05 -12.42 -21.86
CA LYS B 233 13.84 -11.66 -22.83
C LYS B 233 12.92 -10.89 -23.77
N VAL B 234 11.70 -11.38 -23.98
CA VAL B 234 10.81 -10.68 -24.90
C VAL B 234 10.43 -9.31 -24.38
N ASP B 235 10.43 -9.13 -23.05
CA ASP B 235 10.11 -7.83 -22.46
C ASP B 235 11.32 -6.90 -22.60
N VAL B 236 12.52 -7.46 -22.67
CA VAL B 236 13.71 -6.62 -22.82
C VAL B 236 13.65 -5.99 -24.23
N TRP B 237 13.22 -6.78 -25.20
CA TRP B 237 13.09 -6.31 -26.58
C TRP B 237 12.01 -5.22 -26.60
N SER B 238 10.84 -5.52 -26.01
CA SER B 238 9.77 -4.52 -26.01
C SER B 238 10.23 -3.24 -25.33
N LEU B 239 11.11 -3.37 -24.35
CA LEU B 239 11.61 -2.18 -23.66
C LEU B 239 12.48 -1.38 -24.62
N GLY B 240 13.27 -2.08 -25.43
CA GLY B 240 14.11 -1.38 -26.41
C GLY B 240 13.23 -0.56 -27.33
N ILE B 241 12.18 -1.17 -27.87
CA ILE B 241 11.26 -0.46 -28.77
C ILE B 241 10.64 0.75 -28.05
N THR B 242 10.30 0.57 -26.77
CA THR B 242 9.72 1.66 -26.00
C THR B 242 10.72 2.80 -25.85
N CYS B 243 12.00 2.46 -25.72
CA CYS B 243 13.03 3.49 -25.62
C CYS B 243 13.02 4.33 -26.93
N ILE B 244 12.92 3.65 -28.06
CA ILE B 244 12.85 4.37 -29.35
C ILE B 244 11.57 5.21 -29.36
N GLU B 245 10.46 4.60 -28.95
CA GLU B 245 9.17 5.30 -28.90
C GLU B 245 9.29 6.60 -28.08
N LEU B 246 9.99 6.53 -26.95
CA LEU B 246 10.14 7.72 -26.09
C LEU B 246 11.06 8.76 -26.72
N ALA B 247 12.01 8.29 -27.53
CA ALA B 247 12.98 9.17 -28.19
C ALA B 247 12.44 9.74 -29.51
N GLU B 248 11.50 9.04 -30.14
CA GLU B 248 10.98 9.43 -31.44
C GLU B 248 9.46 9.60 -31.54
N ARG B 249 8.76 9.37 -30.43
CA ARG B 249 7.29 9.49 -30.32
C ARG B 249 6.50 8.32 -30.87
N LYS B 250 7.17 7.49 -31.66
CA LYS B 250 6.52 6.32 -32.25
C LYS B 250 7.47 5.15 -32.35
N PRO B 251 6.94 3.92 -32.31
CA PRO B 251 7.85 2.77 -32.43
C PRO B 251 8.22 2.71 -33.93
N PRO B 252 9.33 2.06 -34.27
CA PRO B 252 9.78 1.95 -35.67
C PRO B 252 8.75 1.67 -36.76
N LEU B 253 8.09 0.52 -36.72
CA LEU B 253 7.19 0.18 -37.83
C LEU B 253 5.78 0.77 -37.77
N PHE B 254 5.63 1.86 -37.02
CA PHE B 254 4.33 2.52 -36.86
C PHE B 254 3.60 2.95 -38.13
N ASN B 255 4.33 3.10 -39.24
CA ASN B 255 3.73 3.55 -40.51
C ASN B 255 3.37 2.40 -41.42
N MET B 256 3.22 1.22 -40.83
CA MET B 256 2.91 -0.02 -41.55
C MET B 256 1.73 -0.66 -40.80
N ASN B 257 0.80 -1.32 -41.50
CA ASN B 257 -0.31 -1.95 -40.77
C ASN B 257 0.24 -3.09 -39.92
N ALA B 258 -0.49 -3.48 -38.88
CA ALA B 258 -0.01 -4.51 -37.95
C ALA B 258 0.42 -5.82 -38.57
N MET B 259 -0.36 -6.33 -39.51
CA MET B 259 0.00 -7.60 -40.14
C MET B 259 1.36 -7.51 -40.81
N SER B 260 1.58 -6.44 -41.57
CA SER B 260 2.86 -6.29 -42.25
C SER B 260 3.99 -6.08 -41.25
N ALA B 261 3.73 -5.34 -40.19
CA ALA B 261 4.78 -5.09 -39.22
C ALA B 261 5.29 -6.41 -38.63
N LEU B 262 4.37 -7.33 -38.34
CA LEU B 262 4.76 -8.63 -37.79
C LEU B 262 5.71 -9.38 -38.72
N TYR B 263 5.44 -9.30 -40.02
CA TYR B 263 6.30 -9.96 -40.98
C TYR B 263 7.71 -9.36 -40.94
N HIS B 264 7.78 -8.04 -40.98
CA HIS B 264 9.07 -7.35 -40.96
C HIS B 264 9.91 -7.56 -39.70
N ILE B 265 9.25 -7.59 -38.54
CA ILE B 265 9.97 -7.80 -37.28
C ILE B 265 10.69 -9.12 -37.31
N ALA B 266 9.99 -10.15 -37.77
CA ALA B 266 10.53 -11.49 -37.85
C ALA B 266 11.62 -11.59 -38.93
N GLN B 267 11.41 -10.89 -40.04
CA GLN B 267 12.34 -10.96 -41.17
C GLN B 267 13.52 -10.01 -41.25
N ASN B 268 13.32 -8.74 -40.94
CA ASN B 268 14.38 -7.74 -41.03
C ASN B 268 15.31 -7.67 -39.85
N GLU B 269 16.37 -6.88 -40.00
CA GLU B 269 17.34 -6.66 -38.95
C GLU B 269 16.68 -5.79 -37.89
N SER B 270 17.31 -5.70 -36.72
CA SER B 270 16.76 -4.89 -35.63
C SER B 270 16.75 -3.40 -35.90
N PRO B 271 15.72 -2.71 -35.41
CA PRO B 271 15.72 -1.27 -35.65
C PRO B 271 16.68 -0.62 -34.64
N ALA B 272 16.94 0.66 -34.79
CA ALA B 272 17.82 1.34 -33.87
C ALA B 272 17.38 2.77 -33.79
N LEU B 273 17.92 3.52 -32.83
CA LEU B 273 17.59 4.93 -32.70
C LEU B 273 18.04 5.56 -34.01
N GLN B 274 17.24 6.46 -34.56
CA GLN B 274 17.57 7.13 -35.82
C GLN B 274 18.71 8.13 -35.75
N SER B 275 18.62 9.04 -34.79
CA SER B 275 19.59 10.11 -34.63
C SER B 275 20.85 9.81 -33.83
N GLY B 276 21.95 10.40 -34.27
CA GLY B 276 23.22 10.20 -33.58
C GLY B 276 23.45 11.17 -32.43
N HIS B 277 22.54 12.11 -32.22
CA HIS B 277 22.73 13.07 -31.12
C HIS B 277 22.50 12.46 -29.73
N TRP B 278 21.99 11.23 -29.69
CA TRP B 278 21.76 10.54 -28.42
C TRP B 278 23.11 10.07 -27.91
N SER B 279 23.32 10.04 -26.59
CA SER B 279 24.59 9.59 -26.03
C SER B 279 24.89 8.15 -26.45
N GLU B 280 26.17 7.78 -26.41
CA GLU B 280 26.58 6.42 -26.75
C GLU B 280 25.95 5.42 -25.78
N TYR B 281 25.82 5.81 -24.51
CA TYR B 281 25.23 4.90 -23.54
C TYR B 281 23.80 4.53 -23.94
N PHE B 282 23.02 5.53 -24.33
CA PHE B 282 21.63 5.29 -24.72
C PHE B 282 21.59 4.40 -25.96
N ARG B 283 22.36 4.75 -26.98
CA ARG B 283 22.37 3.94 -28.19
C ARG B 283 22.79 2.51 -27.91
N ASN B 284 23.79 2.32 -27.06
CA ASN B 284 24.25 0.97 -26.73
C ASN B 284 23.15 0.20 -25.98
N PHE B 285 22.50 0.88 -25.05
CA PHE B 285 21.41 0.26 -24.28
C PHE B 285 20.35 -0.26 -25.26
N VAL B 286 19.91 0.61 -26.19
CA VAL B 286 18.90 0.21 -27.16
C VAL B 286 19.36 -0.95 -28.05
N ASP B 287 20.59 -0.88 -28.55
CA ASP B 287 21.06 -1.98 -29.42
C ASP B 287 21.22 -3.30 -28.64
N SER B 288 21.56 -3.24 -27.36
CA SER B 288 21.65 -4.48 -26.57
C SER B 288 20.24 -5.07 -26.40
N CYS B 289 19.26 -4.21 -26.07
CA CYS B 289 17.88 -4.69 -25.91
C CYS B 289 17.34 -5.31 -27.18
N LEU B 290 17.73 -4.75 -28.33
CA LEU B 290 17.20 -5.20 -29.61
C LEU B 290 18.00 -6.26 -30.35
N GLN B 291 18.76 -7.06 -29.62
CA GLN B 291 19.51 -8.15 -30.26
C GLN B 291 18.44 -9.16 -30.73
N LYS B 292 18.44 -9.54 -32.01
CA LYS B 292 17.42 -10.48 -32.48
C LYS B 292 17.54 -11.88 -31.93
N ILE B 293 18.77 -12.37 -31.77
CA ILE B 293 18.95 -13.72 -31.23
C ILE B 293 18.75 -13.59 -29.70
N PRO B 294 17.72 -14.26 -29.15
CA PRO B 294 17.41 -14.22 -27.72
C PRO B 294 18.60 -14.45 -26.81
N GLN B 295 19.38 -15.49 -27.06
CA GLN B 295 20.54 -15.76 -26.21
C GLN B 295 21.55 -14.60 -26.20
N ASP B 296 21.57 -13.80 -27.27
CA ASP B 296 22.49 -12.65 -27.28
C ASP B 296 21.91 -11.44 -26.54
N ARG B 297 20.60 -11.42 -26.33
CA ARG B 297 19.96 -10.29 -25.65
C ARG B 297 20.17 -10.46 -24.13
N PRO B 298 20.55 -9.39 -23.42
CA PRO B 298 20.77 -9.49 -21.96
C PRO B 298 19.45 -9.55 -21.18
N THR B 299 19.50 -10.16 -20.00
CA THR B 299 18.33 -10.26 -19.13
C THR B 299 18.07 -8.88 -18.54
N SER B 300 16.89 -8.68 -17.96
CA SER B 300 16.59 -7.40 -17.33
C SER B 300 17.51 -7.20 -16.13
N GLU B 301 17.87 -8.31 -15.49
CA GLU B 301 18.72 -8.26 -14.32
C GLU B 301 20.09 -7.66 -14.68
N VAL B 302 20.69 -8.15 -15.75
CA VAL B 302 21.99 -7.62 -16.15
C VAL B 302 21.92 -6.15 -16.50
N LEU B 303 20.87 -5.75 -17.20
CA LEU B 303 20.71 -4.38 -17.63
C LEU B 303 20.57 -3.36 -16.51
N LEU B 304 20.17 -3.81 -15.31
CA LEU B 304 20.03 -2.90 -14.17
C LEU B 304 21.34 -2.17 -13.88
N LYS B 305 22.46 -2.78 -14.24
CA LYS B 305 23.76 -2.16 -14.00
C LYS B 305 24.39 -1.58 -15.27
N HIS B 306 23.59 -1.39 -16.31
CA HIS B 306 24.08 -0.80 -17.55
C HIS B 306 24.20 0.70 -17.29
N ARG B 307 25.31 1.28 -17.76
CA ARG B 307 25.61 2.70 -17.59
C ARG B 307 24.51 3.70 -17.98
N PHE B 308 23.72 3.39 -19.00
CA PHE B 308 22.66 4.31 -19.41
C PHE B 308 21.68 4.55 -18.26
N VAL B 309 21.37 3.48 -17.57
CA VAL B 309 20.43 3.48 -16.46
C VAL B 309 21.04 3.95 -15.14
N LEU B 310 22.33 3.71 -14.95
CA LEU B 310 23.02 4.11 -13.73
C LEU B 310 23.71 5.48 -13.78
N ARG B 311 23.73 6.14 -14.95
CA ARG B 311 24.38 7.45 -15.07
C ARG B 311 23.70 8.48 -14.16
N GLU B 312 24.51 9.30 -13.47
CA GLU B 312 24.02 10.33 -12.55
C GLU B 312 22.98 11.27 -13.13
N ARG B 313 21.81 11.33 -12.49
CA ARG B 313 20.73 12.20 -12.94
C ARG B 313 20.13 12.91 -11.74
N PRO B 314 19.56 14.11 -11.95
CA PRO B 314 18.95 14.85 -10.84
C PRO B 314 17.83 14.03 -10.19
N PRO B 315 17.78 14.00 -8.86
CA PRO B 315 16.74 13.22 -8.18
C PRO B 315 15.30 13.72 -8.43
N THR B 316 15.16 14.79 -9.18
CA THR B 316 13.84 15.36 -9.47
C THR B 316 13.46 15.34 -10.95
N VAL B 317 14.12 14.50 -11.74
CA VAL B 317 13.85 14.42 -13.18
C VAL B 317 12.37 14.18 -13.49
N ILE B 318 11.83 13.12 -12.91
CA ILE B 318 10.43 12.77 -13.14
C ILE B 318 9.48 13.79 -12.54
N MET B 319 9.86 14.40 -11.43
CA MET B 319 9.00 15.41 -10.81
C MET B 319 8.87 16.58 -11.77
N ASP B 320 10.00 17.08 -12.27
CA ASP B 320 10.00 18.20 -13.20
C ASP B 320 9.23 17.88 -14.48
N LEU B 321 9.34 16.64 -14.94
CA LEU B 321 8.65 16.23 -16.15
C LEU B 321 7.15 16.30 -15.89
N ILE B 322 6.71 15.71 -14.78
CA ILE B 322 5.30 15.73 -14.43
C ILE B 322 4.83 17.17 -14.33
N GLN B 323 5.62 18.00 -13.67
CA GLN B 323 5.27 19.40 -13.50
C GLN B 323 5.22 20.17 -14.82
N ARG B 324 6.25 20.01 -15.67
CA ARG B 324 6.22 20.75 -16.92
C ARG B 324 5.11 20.22 -17.82
N THR B 325 4.66 18.99 -17.58
CA THR B 325 3.57 18.45 -18.38
C THR B 325 2.24 19.06 -17.94
N LYS B 326 2.04 19.22 -16.63
CA LYS B 326 0.82 19.84 -16.13
C LYS B 326 0.70 21.25 -16.72
N ASP B 327 1.81 21.98 -16.71
CA ASP B 327 1.87 23.34 -17.26
C ASP B 327 1.44 23.34 -18.71
N ALA B 328 1.97 22.39 -19.48
CA ALA B 328 1.66 22.28 -20.88
C ALA B 328 0.20 21.97 -21.12
N VAL B 329 -0.41 21.20 -20.21
CA VAL B 329 -1.82 20.87 -20.36
C VAL B 329 -2.68 22.10 -20.14
N ARG B 330 -2.23 22.99 -19.26
CA ARG B 330 -2.97 24.21 -19.00
C ARG B 330 -2.93 25.08 -20.25
N GLU B 331 -1.82 25.03 -20.99
CA GLU B 331 -1.69 25.82 -22.21
C GLU B 331 -2.39 25.19 -23.42
N LEU B 332 -2.74 23.91 -23.31
CA LEU B 332 -3.40 23.22 -24.41
C LEU B 332 -4.75 23.83 -24.78
N ASP B 333 -4.88 24.15 -26.06
CA ASP B 333 -6.11 24.74 -26.58
C ASP B 333 -7.15 23.62 -26.62
N ASN B 334 -8.34 23.90 -26.09
CA ASN B 334 -9.42 22.93 -26.05
C ASN B 334 -9.17 21.94 -24.92
N LEU B 335 -9.08 22.47 -23.69
CA LEU B 335 -8.83 21.65 -22.50
C LEU B 335 -10.11 21.14 -21.87
N GLN B 336 -11.23 21.84 -22.10
CA GLN B 336 -12.52 21.43 -21.54
C GLN B 336 -13.06 20.21 -22.30
N TYR B 337 -12.35 19.83 -23.36
CA TYR B 337 -12.72 18.68 -24.19
C TYR B 337 -11.47 17.81 -24.38
N ARG B 338 -10.32 18.41 -24.06
CA ARG B 338 -9.02 17.73 -24.17
C ARG B 338 -9.05 16.33 -23.58
N LYS B 339 -8.31 15.42 -24.21
CA LYS B 339 -8.23 14.05 -23.72
C LYS B 339 -7.14 14.02 -22.65
N MET B 340 -6.34 15.07 -22.60
CA MET B 340 -5.25 15.15 -21.63
C MET B 340 -5.54 15.99 -20.38
N LYS B 341 -6.74 16.57 -20.29
CA LYS B 341 -7.07 17.36 -19.11
C LYS B 341 -7.19 16.42 -17.91
N LYS B 342 -7.22 15.13 -18.17
CA LYS B 342 -7.32 14.13 -17.11
C LYS B 342 -6.11 14.27 -16.19
N ILE B 343 -5.01 14.78 -16.74
CA ILE B 343 -3.78 14.97 -15.98
C ILE B 343 -3.98 15.94 -14.83
N LEU B 344 -5.10 16.66 -14.86
CA LEU B 344 -5.40 17.63 -13.80
C LEU B 344 -6.66 17.24 -13.02
N PHE B 345 -7.30 16.13 -13.37
CA PHE B 345 -8.54 15.68 -12.73
C PHE B 345 -8.62 15.76 -11.21
N GLN B 346 -7.52 15.46 -10.53
CA GLN B 346 -7.48 15.48 -9.08
C GLN B 346 -7.52 16.89 -8.50
N GLU B 347 -7.56 17.90 -9.38
CA GLU B 347 -7.62 19.28 -8.92
C GLU B 347 -9.02 19.83 -9.08
N ALA B 348 -9.56 19.71 -10.29
CA ALA B 348 -10.92 20.19 -10.60
C ALA B 348 -11.10 21.63 -10.10
#